data_7AH1
#
_entry.id   7AH1
#
_cell.length_a   54.810
_cell.length_b   91.138
_cell.length_c   99.779
_cell.angle_alpha   90.000
_cell.angle_beta   90.000
_cell.angle_gamma   90.000
#
_symmetry.space_group_name_H-M   'C 2 2 21'
#
loop_
_entity.id
_entity.type
_entity.pdbx_description
1 polymer 'Anti-(ED-B) scFV'
2 water water
#
_entity_poly.entity_id   1
_entity_poly.type   'polypeptide(L)'
_entity_poly.pdbx_seq_one_letter_code
;EVQLLESGGGLVQPGGSLRLSCAASGFTFSSFSMSWVRQAPGKGLEWVSSISGSSGTTYYADSVKGRFTISRDNSKNTLY
LQMNSLRAEDTAVYYCAKPFPYFDYWGQGTLVTVSSGDGSSGGSGGASEIVLTQSPGTLSLSPGERATLSCRASQSVSSS
FLAWYQQKPGQAPRLLIYYASSRATGIPDRFSGSGSGTDFTLTISRLEPEDFAVYYCQQTGRIPPTFGQGTKVEIKKEFS
SSSGSS
;
_entity_poly.pdbx_strand_id   A
#
# COMPACT_ATOMS: atom_id res chain seq x y z
N GLU A 1 5.21 15.93 28.30
CA GLU A 1 5.61 15.44 26.97
C GLU A 1 5.17 13.98 26.78
N VAL A 2 4.41 13.73 25.71
CA VAL A 2 4.00 12.36 25.41
C VAL A 2 5.21 11.53 25.05
N GLN A 3 5.31 10.35 25.65
CA GLN A 3 6.37 9.39 25.31
C GLN A 3 5.78 8.00 25.23
N LEU A 4 6.13 7.28 24.16
CA LEU A 4 5.83 5.87 23.99
C LEU A 4 7.13 5.13 23.75
N LEU A 5 7.43 4.14 24.59
CA LEU A 5 8.69 3.41 24.54
C LEU A 5 8.42 1.91 24.48
N GLU A 6 8.87 1.27 23.40
CA GLU A 6 8.65 -0.15 23.17
C GLU A 6 9.78 -0.99 23.78
N SER A 7 9.46 -2.26 24.05
CA SER A 7 10.42 -3.18 24.63
C SER A 7 9.97 -4.61 24.32
N GLY A 8 10.93 -5.53 24.38
CA GLY A 8 10.64 -6.94 24.25
C GLY A 8 10.90 -7.54 22.89
N GLY A 9 11.32 -6.75 21.91
CA GLY A 9 11.63 -7.29 20.60
C GLY A 9 12.95 -8.05 20.61
N GLY A 10 13.17 -8.77 19.51
CA GLY A 10 14.39 -9.56 19.38
C GLY A 10 14.21 -10.68 18.36
N LEU A 11 15.11 -11.66 18.45
CA LEU A 11 15.12 -12.80 17.54
C LEU A 11 14.35 -13.97 18.12
N VAL A 12 13.52 -14.59 17.28
CA VAL A 12 12.68 -15.70 17.71
C VAL A 12 12.49 -16.63 16.51
N GLN A 13 12.36 -17.91 16.79
CA GLN A 13 12.22 -18.90 15.75
C GLN A 13 10.78 -18.94 15.22
N PRO A 14 10.58 -19.44 14.01
CA PRO A 14 9.22 -19.64 13.51
C PRO A 14 8.43 -20.55 14.43
N GLY A 15 7.17 -20.21 14.65
CA GLY A 15 6.33 -20.87 15.62
C GLY A 15 6.52 -20.40 17.06
N GLY A 16 7.56 -19.61 17.34
CA GLY A 16 7.85 -19.18 18.69
C GLY A 16 6.93 -18.06 19.17
N SER A 17 7.20 -17.62 20.40
CA SER A 17 6.40 -16.60 21.07
C SER A 17 7.28 -15.42 21.47
N LEU A 18 6.62 -14.26 21.59
CA LEU A 18 7.26 -13.02 21.99
C LEU A 18 6.20 -12.07 22.51
N ARG A 19 6.49 -11.38 23.60
CA ARG A 19 5.56 -10.39 24.16
C ARG A 19 6.21 -9.03 24.13
N LEU A 20 5.58 -8.09 23.43
CA LEU A 20 6.04 -6.71 23.39
C LEU A 20 5.34 -5.88 24.47
N SER A 21 6.02 -4.82 24.89
CA SER A 21 5.48 -3.90 25.89
C SER A 21 5.70 -2.48 25.40
N CYS A 22 4.82 -1.58 25.82
CA CYS A 22 4.95 -0.16 25.52
C CYS A 22 4.61 0.63 26.78
N ALA A 23 5.57 1.43 27.24
CA ALA A 23 5.36 2.30 28.40
C ALA A 23 4.89 3.66 27.90
N ALA A 24 3.74 4.09 28.38
CA ALA A 24 3.19 5.39 28.01
C ALA A 24 3.33 6.35 29.17
N SER A 25 3.53 7.63 28.85
CA SER A 25 3.65 8.68 29.84
C SER A 25 3.37 10.01 29.17
N GLY A 26 3.04 11.01 29.99
CA GLY A 26 2.78 12.35 29.51
C GLY A 26 1.35 12.63 29.12
N PHE A 27 0.43 11.70 29.37
CA PHE A 27 -0.98 11.89 29.04
C PHE A 27 -1.79 10.93 29.89
N THR A 28 -3.08 11.20 29.99
CA THR A 28 -3.99 10.30 30.71
C THR A 28 -4.18 9.05 29.86
N PHE A 29 -3.44 8.00 30.21
CA PHE A 29 -3.38 6.78 29.41
C PHE A 29 -4.76 6.19 29.16
N SER A 30 -5.62 6.16 30.18
CA SER A 30 -6.90 5.48 30.13
C SER A 30 -7.92 6.17 29.22
N SER A 31 -7.66 7.39 28.78
CA SER A 31 -8.60 8.10 27.92
CA SER A 31 -8.57 8.14 27.92
C SER A 31 -8.28 7.94 26.44
N PHE A 32 -7.35 7.06 26.08
CA PHE A 32 -6.96 6.89 24.68
C PHE A 32 -6.92 5.41 24.31
N SER A 33 -7.47 5.11 23.13
CA SER A 33 -7.17 3.83 22.50
C SER A 33 -5.68 3.76 22.19
N MET A 34 -5.10 2.59 22.35
CA MET A 34 -3.69 2.37 22.06
C MET A 34 -3.55 1.33 20.97
N SER A 35 -2.46 1.41 20.20
CA SER A 35 -2.36 0.62 18.97
C SER A 35 -0.96 0.08 18.78
N TRP A 36 -0.88 -0.96 17.95
CA TRP A 36 0.37 -1.49 17.43
C TRP A 36 0.32 -1.44 15.91
N VAL A 37 1.39 -0.91 15.31
CA VAL A 37 1.53 -0.79 13.86
C VAL A 37 2.94 -1.26 13.52
N ARG A 38 3.06 -2.08 12.47
CA ARG A 38 4.33 -2.70 12.12
C ARG A 38 4.76 -2.33 10.71
N GLN A 39 6.07 -2.39 10.48
CA GLN A 39 6.66 -2.12 9.17
C GLN A 39 7.69 -3.20 8.89
N ALA A 40 7.36 -4.11 7.97
CA ALA A 40 8.30 -5.11 7.53
C ALA A 40 9.50 -4.45 6.86
N PRO A 41 10.69 -5.04 6.96
CA PRO A 41 11.90 -4.40 6.41
C PRO A 41 11.76 -4.12 4.93
N GLY A 42 11.93 -2.85 4.56
CA GLY A 42 11.80 -2.41 3.19
C GLY A 42 10.38 -2.33 2.67
N LYS A 43 9.38 -2.35 3.55
CA LYS A 43 7.98 -2.38 3.16
C LYS A 43 7.25 -1.17 3.76
N GLY A 44 5.93 -1.19 3.65
CA GLY A 44 5.08 -0.13 4.15
C GLY A 44 4.54 -0.42 5.53
N LEU A 45 3.45 0.26 5.86
CA LEU A 45 2.88 0.24 7.20
C LEU A 45 1.64 -0.64 7.24
N GLU A 46 1.50 -1.39 8.32
CA GLU A 46 0.34 -2.27 8.52
C GLU A 46 -0.10 -2.16 9.97
N TRP A 47 -1.30 -1.64 10.18
CA TRP A 47 -1.90 -1.67 11.52
C TRP A 47 -2.08 -3.11 11.97
N VAL A 48 -1.77 -3.37 13.24
CA VAL A 48 -1.77 -4.72 13.79
C VAL A 48 -2.95 -4.94 14.73
N SER A 49 -3.07 -4.12 15.77
CA SER A 49 -4.09 -4.34 16.78
C SER A 49 -4.28 -3.06 17.57
N SER A 50 -5.50 -2.88 18.10
CA SER A 50 -5.84 -1.74 18.94
C SER A 50 -6.73 -2.19 20.08
N ILE A 51 -6.80 -1.35 21.11
CA ILE A 51 -7.58 -1.63 22.32
C ILE A 51 -8.10 -0.32 22.87
N SER A 52 -9.39 -0.28 23.21
CA SER A 52 -9.99 0.95 23.70
C SER A 52 -9.46 1.27 25.10
N GLY A 53 -9.73 2.51 25.54
CA GLY A 53 -9.16 3.00 26.78
C GLY A 53 -9.43 2.12 27.98
N SER A 54 -10.62 1.49 28.02
CA SER A 54 -11.04 0.66 29.13
C SER A 54 -10.90 -0.83 28.86
N SER A 55 -10.34 -1.21 27.71
CA SER A 55 -10.23 -2.59 27.25
C SER A 55 -11.59 -3.21 26.92
N GLY A 56 -12.63 -2.38 26.80
CA GLY A 56 -13.94 -2.88 26.42
C GLY A 56 -14.00 -3.45 25.02
N THR A 57 -13.13 -2.97 24.13
CA THR A 57 -13.08 -3.44 22.75
C THR A 57 -11.63 -3.68 22.36
N THR A 58 -11.41 -4.73 21.56
CA THR A 58 -10.12 -4.99 20.92
C THR A 58 -10.34 -5.19 19.44
N TYR A 59 -9.37 -4.75 18.64
CA TYR A 59 -9.40 -4.93 17.19
C TYR A 59 -8.11 -5.59 16.74
N TYR A 60 -8.22 -6.44 15.73
CA TYR A 60 -7.05 -7.13 15.18
C TYR A 60 -7.13 -7.13 13.66
N ALA A 61 -5.96 -7.08 13.02
CA ALA A 61 -5.89 -7.35 11.60
C ALA A 61 -6.09 -8.85 11.35
N ASP A 62 -6.72 -9.17 10.22
CA ASP A 62 -7.02 -10.56 9.89
C ASP A 62 -5.78 -11.44 9.94
N SER A 63 -4.63 -10.92 9.50
CA SER A 63 -3.42 -11.74 9.39
C SER A 63 -2.83 -12.14 10.75
N VAL A 64 -3.24 -11.51 11.84
CA VAL A 64 -2.72 -11.85 13.16
C VAL A 64 -3.80 -12.38 14.10
N LYS A 65 -5.06 -12.42 13.66
CA LYS A 65 -6.14 -12.90 14.51
C LYS A 65 -5.91 -14.34 14.94
N GLY A 66 -6.25 -14.63 16.19
CA GLY A 66 -6.03 -15.94 16.76
C GLY A 66 -4.61 -16.22 17.22
N ARG A 67 -3.64 -15.40 16.79
CA ARG A 67 -2.26 -15.55 17.21
C ARG A 67 -1.77 -14.43 18.13
N PHE A 68 -2.23 -13.21 17.93
CA PHE A 68 -1.83 -12.08 18.76
C PHE A 68 -2.95 -11.70 19.70
N THR A 69 -2.57 -11.21 20.88
CA THR A 69 -3.53 -10.77 21.90
C THR A 69 -3.04 -9.45 22.47
N ILE A 70 -3.85 -8.41 22.32
CA ILE A 70 -3.51 -7.08 22.82
C ILE A 70 -4.14 -6.90 24.18
N SER A 71 -3.44 -6.19 25.07
CA SER A 71 -3.92 -5.94 26.41
C SER A 71 -3.24 -4.68 26.94
N ARG A 72 -3.77 -4.16 28.04
CA ARG A 72 -3.21 -2.96 28.66
C ARG A 72 -3.41 -3.03 30.16
N ASP A 73 -2.49 -2.40 30.88
CA ASP A 73 -2.56 -2.27 32.35
C ASP A 73 -2.65 -0.78 32.63
N ASN A 74 -3.88 -0.31 32.90
CA ASN A 74 -4.08 1.13 33.09
C ASN A 74 -3.43 1.62 34.38
N SER A 75 -3.30 0.75 35.39
CA SER A 75 -2.64 1.15 36.62
C SER A 75 -1.15 1.39 36.43
N LYS A 76 -0.53 0.82 35.39
CA LYS A 76 0.88 1.01 35.13
C LYS A 76 1.13 1.70 33.80
N ASN A 77 0.08 2.17 33.13
CA ASN A 77 0.19 2.90 31.86
C ASN A 77 1.05 2.14 30.84
N THR A 78 0.76 0.85 30.69
CA THR A 78 1.54 -0.02 29.81
C THR A 78 0.61 -0.78 28.87
N LEU A 79 1.03 -0.86 27.61
CA LEU A 79 0.35 -1.60 26.56
C LEU A 79 1.15 -2.85 26.24
N TYR A 80 0.45 -3.96 25.99
CA TYR A 80 1.12 -5.23 25.71
C TYR A 80 0.60 -5.82 24.40
N LEU A 81 1.44 -6.64 23.77
CA LEU A 81 1.03 -7.43 22.62
C LEU A 81 1.69 -8.80 22.74
N GLN A 82 0.90 -9.82 23.05
CA GLN A 82 1.38 -11.19 23.12
C GLN A 82 1.32 -11.81 21.72
N MET A 83 2.46 -12.24 21.20
CA MET A 83 2.59 -12.77 19.84
C MET A 83 2.96 -14.24 19.92
N ASN A 84 2.04 -15.10 19.47
CA ASN A 84 2.25 -16.53 19.43
C ASN A 84 2.21 -17.00 17.98
N SER A 85 2.72 -18.22 17.76
CA SER A 85 2.75 -18.84 16.43
C SER A 85 3.39 -17.90 15.41
N LEU A 86 4.55 -17.35 15.78
CA LEU A 86 5.19 -16.34 14.95
C LEU A 86 5.65 -16.93 13.62
N ARG A 87 5.38 -16.19 12.55
CA ARG A 87 5.76 -16.56 11.20
C ARG A 87 6.78 -15.56 10.68
N ALA A 88 7.57 -16.01 9.69
CA ALA A 88 8.53 -15.11 9.06
C ALA A 88 7.87 -13.84 8.55
N GLU A 89 6.60 -13.95 8.14
CA GLU A 89 5.84 -12.79 7.67
C GLU A 89 5.66 -11.75 8.77
N ASP A 90 5.74 -12.14 10.04
CA ASP A 90 5.60 -11.20 11.13
C ASP A 90 6.87 -10.40 11.40
N THR A 91 7.94 -10.65 10.67
CA THR A 91 9.17 -9.90 10.88
C THR A 91 8.96 -8.45 10.51
N ALA A 92 9.18 -7.56 11.47
CA ALA A 92 8.93 -6.14 11.24
C ALA A 92 9.43 -5.37 12.45
N VAL A 93 9.57 -4.06 12.26
CA VAL A 93 9.68 -3.12 13.36
C VAL A 93 8.27 -2.86 13.86
N TYR A 94 8.04 -3.09 15.15
CA TYR A 94 6.72 -2.92 15.75
C TYR A 94 6.68 -1.61 16.51
N TYR A 95 5.77 -0.73 16.09
CA TYR A 95 5.61 0.57 16.72
C TYR A 95 4.39 0.59 17.63
N CYS A 96 4.57 1.16 18.81
CA CYS A 96 3.48 1.53 19.69
C CYS A 96 2.97 2.90 19.26
N ALA A 97 1.65 3.06 19.25
CA ALA A 97 1.06 4.26 18.65
C ALA A 97 -0.27 4.58 19.31
N LYS A 98 -0.73 5.80 19.06
CA LYS A 98 -1.87 6.41 19.70
C LYS A 98 -2.52 7.31 18.65
N PRO A 99 -3.86 7.34 18.58
CA PRO A 99 -4.83 6.41 19.16
C PRO A 99 -5.26 5.35 18.14
N PHE A 100 -6.45 5.53 17.54
CA PHE A 100 -7.02 4.63 16.53
C PHE A 100 -8.23 5.32 15.89
N PRO A 101 -8.45 5.17 14.58
CA PRO A 101 -7.68 4.41 13.58
C PRO A 101 -6.55 5.21 12.93
N TYR A 102 -6.48 6.51 13.20
CA TYR A 102 -5.30 7.30 12.84
C TYR A 102 -4.32 7.26 14.00
N PHE A 103 -3.09 7.68 13.72
CA PHE A 103 -2.02 7.58 14.72
C PHE A 103 -1.29 8.92 14.86
N ASP A 104 -1.60 9.62 15.96
CA ASP A 104 -1.11 10.95 16.34
CA ASP A 104 -1.00 10.93 16.11
C ASP A 104 0.31 10.91 16.90
N TYR A 105 0.61 9.82 17.62
CA TYR A 105 1.89 9.67 18.31
C TYR A 105 2.44 8.28 18.03
N TRP A 106 3.75 8.22 17.81
CA TRP A 106 4.46 6.99 17.50
C TRP A 106 5.66 6.84 18.42
N GLY A 107 5.90 5.63 18.88
CA GLY A 107 7.17 5.31 19.51
C GLY A 107 8.25 5.14 18.46
N GLN A 108 9.45 4.81 18.93
CA GLN A 108 10.56 4.59 18.00
C GLN A 108 10.55 3.19 17.42
N GLY A 109 9.81 2.26 18.02
CA GLY A 109 9.67 0.92 17.50
C GLY A 109 10.71 -0.04 18.06
N THR A 110 10.36 -1.33 18.03
CA THR A 110 11.26 -2.40 18.41
C THR A 110 11.22 -3.48 17.34
N LEU A 111 12.38 -4.04 17.02
CA LEU A 111 12.52 -4.97 15.91
C LEU A 111 12.22 -6.40 16.35
N VAL A 112 11.31 -7.05 15.63
CA VAL A 112 11.00 -8.47 15.81
C VAL A 112 11.47 -9.20 14.56
N THR A 113 12.34 -10.19 14.74
CA THR A 113 12.91 -10.97 13.63
C THR A 113 12.57 -12.43 13.84
N VAL A 114 11.73 -12.98 12.96
CA VAL A 114 11.34 -14.39 13.01
C VAL A 114 12.21 -15.12 11.99
N SER A 115 13.27 -15.76 12.47
CA SER A 115 14.25 -16.37 11.60
C SER A 115 14.54 -17.80 12.06
N SER A 116 14.87 -18.65 11.09
CA SER A 116 15.20 -20.04 11.40
C SER A 116 16.44 -20.13 12.27
N GLY A 117 17.55 -19.53 11.83
CA GLY A 117 18.79 -19.56 12.57
C GLY A 117 19.56 -18.25 12.49
N ALA A 127 12.52 -11.22 -6.97
CA ALA A 127 11.61 -12.16 -7.60
C ALA A 127 10.20 -11.60 -7.69
N SER A 128 9.22 -12.50 -7.65
CA SER A 128 7.79 -12.18 -7.61
C SER A 128 7.27 -11.64 -8.95
N GLU A 129 5.96 -11.42 -9.00
CA GLU A 129 5.29 -10.87 -10.17
C GLU A 129 5.16 -9.36 -10.04
N ILE A 130 5.25 -8.66 -11.17
CA ILE A 130 5.15 -7.20 -11.17
C ILE A 130 3.70 -6.79 -10.99
N VAL A 131 3.45 -5.89 -10.05
CA VAL A 131 2.12 -5.30 -9.84
C VAL A 131 2.12 -3.91 -10.48
N LEU A 132 1.14 -3.65 -11.33
CA LEU A 132 0.93 -2.33 -11.90
C LEU A 132 -0.25 -1.67 -11.22
N THR A 133 -0.07 -0.43 -10.78
CA THR A 133 -1.15 0.37 -10.23
C THR A 133 -1.24 1.69 -10.98
N GLN A 134 -2.46 2.12 -11.28
CA GLN A 134 -2.70 3.30 -12.09
C GLN A 134 -3.35 4.41 -11.25
N SER A 135 -3.16 5.65 -11.70
CA SER A 135 -3.66 6.83 -11.02
C SER A 135 -3.97 7.89 -12.05
N PRO A 136 -5.04 8.69 -11.85
CA PRO A 136 -6.00 8.49 -10.76
C PRO A 136 -6.99 7.41 -11.14
N GLY A 137 -7.92 7.08 -10.23
CA GLY A 137 -8.99 6.18 -10.59
C GLY A 137 -9.89 6.76 -11.66
N THR A 138 -10.23 8.04 -11.52
CA THR A 138 -11.10 8.72 -12.47
C THR A 138 -10.51 10.08 -12.79
N LEU A 139 -10.46 10.40 -14.08
CA LEU A 139 -10.03 11.70 -14.57
C LEU A 139 -11.25 12.39 -15.16
N SER A 140 -11.69 13.47 -14.52
CA SER A 140 -12.87 14.21 -14.96
C SER A 140 -12.43 15.46 -15.70
N LEU A 141 -12.56 15.45 -17.02
CA LEU A 141 -12.04 16.52 -17.85
C LEU A 141 -13.05 16.84 -18.94
N SER A 142 -12.87 18.02 -19.56
CA SER A 142 -13.69 18.49 -20.66
C SER A 142 -13.00 18.20 -22.00
N PRO A 143 -13.78 18.07 -23.08
CA PRO A 143 -13.17 17.85 -24.39
C PRO A 143 -12.22 18.99 -24.75
N GLY A 144 -11.11 18.63 -25.40
CA GLY A 144 -10.07 19.58 -25.71
C GLY A 144 -9.03 19.74 -24.63
N GLU A 145 -9.29 19.24 -23.43
CA GLU A 145 -8.33 19.37 -22.35
C GLU A 145 -7.26 18.28 -22.44
N ARG A 146 -6.17 18.51 -21.72
CA ARG A 146 -5.05 17.59 -21.68
C ARG A 146 -5.28 16.57 -20.58
N ALA A 147 -5.10 15.29 -20.90
CA ALA A 147 -5.25 14.20 -19.95
C ALA A 147 -3.89 13.57 -19.69
N THR A 148 -3.55 13.42 -18.41
CA THR A 148 -2.27 12.83 -18.00
C THR A 148 -2.56 11.65 -17.09
N LEU A 149 -2.32 10.44 -17.60
CA LEU A 149 -2.58 9.21 -16.85
C LEU A 149 -1.28 8.58 -16.41
N SER A 150 -1.25 8.05 -15.19
CA SER A 150 -0.05 7.50 -14.57
C SER A 150 -0.18 6.00 -14.37
N CYS A 151 0.97 5.32 -14.45
CA CYS A 151 1.10 3.88 -14.23
C CYS A 151 2.38 3.64 -13.44
N ARG A 152 2.30 2.81 -12.42
CA ARG A 152 3.41 2.55 -11.52
C ARG A 152 3.68 1.04 -11.49
N ALA A 153 4.96 0.67 -11.62
CA ALA A 153 5.37 -0.73 -11.61
C ALA A 153 6.09 -1.02 -10.30
N SER A 154 5.73 -2.15 -9.67
CA SER A 154 6.33 -2.50 -8.40
CA SER A 154 6.33 -2.51 -8.39
C SER A 154 7.79 -2.91 -8.53
N GLN A 155 8.26 -3.18 -9.73
CA GLN A 155 9.66 -3.48 -10.01
C GLN A 155 10.04 -2.78 -11.30
N SER A 156 11.35 -2.66 -11.53
CA SER A 156 11.84 -1.88 -12.66
C SER A 156 11.46 -2.53 -13.99
N VAL A 157 11.00 -1.69 -14.93
CA VAL A 157 10.60 -2.11 -16.27
C VAL A 157 11.10 -1.05 -17.24
N SER A 158 11.80 -1.49 -18.29
CA SER A 158 12.20 -0.56 -19.32
C SER A 158 10.97 -0.07 -20.11
N SER A 159 11.08 1.15 -20.64
CA SER A 159 10.05 1.67 -21.52
C SER A 159 9.77 0.76 -22.71
N SER A 160 10.74 -0.11 -23.07
CA SER A 160 10.53 -1.04 -24.17
C SER A 160 9.54 -2.15 -23.82
N PHE A 161 9.07 -2.22 -22.58
CA PHE A 161 8.15 -3.28 -22.17
C PHE A 161 6.97 -2.75 -21.39
N LEU A 162 6.52 -1.53 -21.68
CA LEU A 162 5.32 -1.00 -21.02
C LEU A 162 4.34 -0.50 -22.07
N ALA A 163 3.22 -1.20 -22.20
CA ALA A 163 2.21 -0.94 -23.22
C ALA A 163 0.98 -0.29 -22.62
N TRP A 164 0.19 0.34 -23.48
CA TRP A 164 -1.04 1.03 -23.08
C TRP A 164 -2.20 0.54 -23.93
N TYR A 165 -3.36 0.35 -23.31
CA TYR A 165 -4.56 -0.10 -23.97
C TYR A 165 -5.72 0.84 -23.65
N GLN A 166 -6.72 0.82 -24.53
CA GLN A 166 -7.95 1.57 -24.35
C GLN A 166 -9.12 0.60 -24.41
N GLN A 167 -10.16 0.86 -23.64
CA GLN A 167 -11.41 0.10 -23.73
C GLN A 167 -12.56 1.09 -23.67
N LYS A 168 -13.22 1.30 -24.79
CA LYS A 168 -14.43 2.10 -24.84
C LYS A 168 -15.58 1.31 -24.23
N PRO A 169 -16.61 1.98 -23.70
CA PRO A 169 -17.71 1.26 -23.04
C PRO A 169 -18.43 0.36 -24.03
N GLY A 170 -18.67 -0.89 -23.61
CA GLY A 170 -19.36 -1.85 -24.45
C GLY A 170 -18.54 -2.43 -25.58
N GLN A 171 -17.24 -2.14 -25.62
CA GLN A 171 -16.33 -2.65 -26.63
C GLN A 171 -15.22 -3.46 -25.98
N ALA A 172 -14.45 -4.16 -26.81
CA ALA A 172 -13.30 -4.90 -26.36
C ALA A 172 -12.12 -3.95 -26.16
N PRO A 173 -11.10 -4.38 -25.38
CA PRO A 173 -9.88 -3.57 -25.30
C PRO A 173 -9.18 -3.53 -26.64
N ARG A 174 -8.47 -2.42 -26.89
CA ARG A 174 -7.63 -2.30 -28.07
C ARG A 174 -6.29 -1.71 -27.66
N LEU A 175 -5.24 -2.15 -28.34
CA LEU A 175 -3.91 -1.64 -28.06
C LEU A 175 -3.77 -0.20 -28.53
N LEU A 176 -3.20 0.65 -27.69
CA LEU A 176 -2.80 1.99 -28.09
C LEU A 176 -1.32 2.08 -28.43
N ILE A 177 -0.46 1.58 -27.54
CA ILE A 177 0.98 1.77 -27.62
C ILE A 177 1.66 0.46 -27.25
N TYR A 178 2.50 -0.05 -28.16
CA TYR A 178 3.25 -1.28 -27.89
C TYR A 178 4.25 -1.08 -26.75
N TYR A 179 5.02 -0.01 -26.83
CA TYR A 179 6.07 0.33 -25.88
C TYR A 179 6.47 1.76 -26.17
N ALA A 180 7.19 2.37 -25.23
CA ALA A 180 7.59 3.77 -25.34
C ALA A 180 6.41 4.61 -25.80
N SER A 181 6.54 5.27 -26.95
CA SER A 181 5.44 5.99 -27.57
C SER A 181 5.19 5.49 -29.00
N SER A 182 5.41 4.19 -29.21
CA SER A 182 5.20 3.57 -30.52
CA SER A 182 5.19 3.57 -30.52
C SER A 182 3.74 3.11 -30.61
N ARG A 183 2.95 3.78 -31.42
CA ARG A 183 1.51 3.54 -31.49
C ARG A 183 1.14 2.43 -32.46
N ALA A 184 0.03 1.76 -32.16
CA ALA A 184 -0.54 0.79 -33.07
C ALA A 184 -1.22 1.50 -34.25
N THR A 185 -1.57 0.72 -35.26
CA THR A 185 -2.16 1.27 -36.48
C THR A 185 -3.53 1.86 -36.19
N GLY A 186 -3.76 3.07 -36.72
CA GLY A 186 -5.01 3.77 -36.53
C GLY A 186 -5.12 4.59 -35.26
N ILE A 187 -4.10 4.59 -34.40
CA ILE A 187 -4.14 5.33 -33.14
C ILE A 187 -3.51 6.70 -33.39
N PRO A 188 -4.23 7.80 -33.20
CA PRO A 188 -3.70 9.11 -33.56
C PRO A 188 -2.60 9.56 -32.61
N ASP A 189 -1.84 10.56 -33.06
CA ASP A 189 -0.64 10.98 -32.35
C ASP A 189 -0.93 11.81 -31.11
N ARG A 190 -2.19 12.11 -30.80
CA ARG A 190 -2.46 12.81 -29.54
C ARG A 190 -2.26 11.89 -28.33
N PHE A 191 -2.11 10.59 -28.54
CA PHE A 191 -1.68 9.68 -27.49
C PHE A 191 -0.17 9.53 -27.53
N SER A 192 0.50 9.82 -26.41
CA SER A 192 1.92 9.56 -26.33
C SER A 192 2.24 8.95 -24.99
N GLY A 193 3.24 8.08 -24.98
CA GLY A 193 3.68 7.38 -23.77
C GLY A 193 5.06 7.85 -23.38
N SER A 194 5.30 7.95 -22.06
CA SER A 194 6.62 8.33 -21.57
C SER A 194 6.90 7.59 -20.27
N GLY A 195 8.14 7.72 -19.81
CA GLY A 195 8.59 7.09 -18.58
C GLY A 195 9.35 5.81 -18.84
N SER A 196 10.20 5.46 -17.87
CA SER A 196 10.95 4.21 -17.91
C SER A 196 11.51 3.89 -16.54
N GLY A 197 11.32 2.65 -16.09
CA GLY A 197 11.72 2.29 -14.75
C GLY A 197 10.53 1.88 -13.91
N THR A 198 10.02 2.79 -13.07
CA THR A 198 8.87 2.49 -12.23
C THR A 198 7.64 3.34 -12.52
N ASP A 199 7.80 4.52 -13.11
CA ASP A 199 6.70 5.47 -13.26
C ASP A 199 6.53 5.87 -14.71
N PHE A 200 5.31 5.71 -15.23
CA PHE A 200 5.02 5.88 -16.65
C PHE A 200 3.81 6.79 -16.80
N THR A 201 3.72 7.41 -17.97
CA THR A 201 2.67 8.38 -18.26
C THR A 201 2.10 8.13 -19.65
N LEU A 202 0.76 8.11 -19.72
CA LEU A 202 0.04 8.20 -20.98
C LEU A 202 -0.58 9.59 -21.08
N THR A 203 -0.14 10.37 -22.05
CA THR A 203 -0.65 11.72 -22.26
C THR A 203 -1.60 11.72 -23.46
N ILE A 204 -2.80 12.23 -23.26
CA ILE A 204 -3.73 12.53 -24.34
C ILE A 204 -3.76 14.06 -24.44
N SER A 205 -3.09 14.61 -25.45
CA SER A 205 -2.82 16.04 -25.46
C SER A 205 -4.09 16.87 -25.53
N ARG A 206 -5.09 16.41 -26.28
CA ARG A 206 -6.36 17.12 -26.39
C ARG A 206 -7.48 16.11 -26.53
N LEU A 207 -8.35 16.03 -25.52
CA LEU A 207 -9.36 14.99 -25.49
C LEU A 207 -10.41 15.19 -26.58
N GLU A 208 -10.71 14.13 -27.30
CA GLU A 208 -11.83 14.06 -28.22
C GLU A 208 -12.97 13.29 -27.58
N PRO A 209 -14.20 13.47 -28.05
CA PRO A 209 -15.34 12.74 -27.46
C PRO A 209 -15.11 11.24 -27.35
N GLU A 210 -14.48 10.61 -28.36
CA GLU A 210 -14.25 9.17 -28.29
C GLU A 210 -13.18 8.79 -27.28
N ASP A 211 -12.38 9.74 -26.80
CA ASP A 211 -11.31 9.41 -25.87
C ASP A 211 -11.81 9.20 -24.44
N PHE A 212 -13.09 9.42 -24.18
CA PHE A 212 -13.62 9.23 -22.84
C PHE A 212 -13.90 7.74 -22.66
N ALA A 213 -12.97 7.06 -22.00
CA ALA A 213 -12.97 5.60 -21.92
C ALA A 213 -12.10 5.20 -20.72
N VAL A 214 -11.91 3.90 -20.58
CA VAL A 214 -11.00 3.32 -19.59
C VAL A 214 -9.69 2.99 -20.28
N TYR A 215 -8.57 3.23 -19.57
CA TYR A 215 -7.24 2.99 -20.09
C TYR A 215 -6.48 2.08 -19.14
N TYR A 216 -5.79 1.10 -19.70
CA TYR A 216 -4.99 0.15 -18.95
C TYR A 216 -3.54 0.20 -19.42
N CYS A 217 -2.61 0.15 -18.47
CA CYS A 217 -1.22 -0.10 -18.79
C CYS A 217 -0.91 -1.59 -18.59
N GLN A 218 0.16 -2.04 -19.24
CA GLN A 218 0.54 -3.44 -19.18
C GLN A 218 2.05 -3.54 -19.32
N GLN A 219 2.68 -4.35 -18.47
CA GLN A 219 4.10 -4.63 -18.61
C GLN A 219 4.26 -5.95 -19.36
N THR A 220 5.16 -5.97 -20.33
CA THR A 220 5.35 -7.14 -21.19
C THR A 220 6.77 -7.71 -21.08
N GLY A 221 7.46 -7.43 -19.98
CA GLY A 221 8.82 -7.87 -19.81
C GLY A 221 8.97 -9.25 -19.19
N ARG A 222 7.96 -9.71 -18.44
CA ARG A 222 8.03 -11.05 -17.87
C ARG A 222 6.64 -11.66 -17.78
N ILE A 223 6.61 -12.97 -17.64
CA ILE A 223 5.37 -13.74 -17.61
C ILE A 223 5.01 -14.00 -16.14
N PRO A 224 3.78 -13.65 -15.70
CA PRO A 224 2.67 -13.12 -16.50
C PRO A 224 2.79 -11.64 -16.87
N PRO A 225 2.30 -11.27 -18.05
CA PRO A 225 2.32 -9.86 -18.45
C PRO A 225 1.15 -9.09 -17.85
N THR A 226 1.37 -8.47 -16.69
CA THR A 226 0.29 -7.98 -15.85
C THR A 226 -0.20 -6.59 -16.29
N PHE A 227 -1.49 -6.36 -16.06
CA PHE A 227 -2.15 -5.09 -16.35
C PHE A 227 -2.34 -4.30 -15.06
N GLY A 228 -2.31 -2.98 -15.19
CA GLY A 228 -2.79 -2.12 -14.12
C GLY A 228 -4.31 -2.23 -13.95
N GLN A 229 -4.81 -1.61 -12.88
CA GLN A 229 -6.22 -1.66 -12.49
CA GLN A 229 -6.22 -1.76 -12.59
C GLN A 229 -7.12 -0.78 -13.35
N GLY A 230 -6.55 0.10 -14.16
CA GLY A 230 -7.36 0.91 -15.05
C GLY A 230 -7.59 2.32 -14.55
N THR A 231 -7.69 3.26 -15.49
CA THR A 231 -8.07 4.64 -15.21
C THR A 231 -9.20 5.03 -16.13
N LYS A 232 -10.30 5.50 -15.54
CA LYS A 232 -11.47 5.94 -16.31
C LYS A 232 -11.38 7.44 -16.55
N VAL A 233 -11.36 7.84 -17.82
CA VAL A 233 -11.40 9.23 -18.21
C VAL A 233 -12.85 9.55 -18.58
N GLU A 234 -13.52 10.33 -17.74
CA GLU A 234 -14.93 10.61 -17.91
C GLU A 234 -15.14 12.11 -18.07
N ILE A 235 -16.25 12.45 -18.71
CA ILE A 235 -16.52 13.83 -19.10
C ILE A 235 -17.01 14.61 -17.88
N LYS A 236 -16.56 15.85 -17.76
CA LYS A 236 -16.89 16.69 -16.62
C LYS A 236 -18.38 17.03 -16.60
#